data_8W25
#
_entry.id   8W25
#
loop_
_entity.id
_entity.type
_entity.pdbx_description
1 polymer 'Maltose/maltodextrin-binding periplasmic protein,Poly [ADP-ribose] polymerase tankyrase-2'
2 non-polymer 'ZINC ION'
3 non-polymer N-{2-[4-(2-hydroxypropan-2-yl)phenyl]-4-oxo-1,4-dihydroquinazolin-7-yl}-4-methoxy-6-phenylpyridine-3-carboxamide
4 water water
#
_entity_poly.entity_id   1
_entity_poly.type   'polypeptide(L)'
_entity_poly.pdbx_seq_one_letter_code
;MSAWSHPQFEKGGGSGGGSGGSAWSHPQFEKTGSMGIEEGKLVIWINGDKGYNGLAEVGKKFEKDTGIKVTVEHPDKLEE
KFPQVAATGDGPDIIFWAHDRFGGYAQSGLLAEITPDKAFQDKLYPFTWDAVRYNGKLIAYPIAVEALSLIYNKDLLPNP
PKTWEEIPALDKELKAKGKSALMFNLQEPYFTWPLIAADGGYAFKYENGKYDIKDVGVDNAGAKAGLTFLVDLIKNKHMN
ADTDYSIAEAAFNKGETAMTINGPWAWSNIDTSKVNYGVTVLPTFKGQPSKPFVGVLSAGINAASPNKELAKEFLENYLL
TDEGLEAVNKDKPLGAVALKSYEEELAKDPRIAATMENAQKGEIMPNIPQMSAFWYAVRTAVINAASGRQTVDEALKDAQ
TELELEVLFQGPELSSVVSSSGTEGASSLEKKEVPGVDFSITQFVRNLGLEHLMDIFEREQITLDVLVEMGHKELKEIGI
NAYGHRHKLIKGVERLISGQQGLNPYLTLNTSGSGTILIDLSPDDKEFQSVEEEMQSTVREHRDGGHAGGIFNRYNILKI
QKVCNKKLWERYTHRRKEVSEENHNHANERMLFHGSPFVNAIIHKGFDERHAYIGGMFGAGIYFAENSSKSNQYVYGIGG
GTGCPVHKDRSCYICHRQLLFCRVTLGKSFLQFSAMKMAHSPPGHHSVTGRPSVNGLALAEYVIYRGEQAYPEYLITYQI
MRPEGMVDG
;
_entity_poly.pdbx_strand_id   D,Q
#
# COMPACT_ATOMS: atom_id res chain seq x y z
N ASP A 438 -1.03 -0.83 -43.72
CA ASP A 438 0.40 -0.54 -43.64
C ASP A 438 0.71 0.76 -44.37
N PHE A 439 -0.32 1.56 -44.65
CA PHE A 439 -0.14 2.75 -45.46
C PHE A 439 0.48 3.91 -44.67
N SER A 440 0.27 3.95 -43.35
CA SER A 440 0.83 5.04 -42.56
C SER A 440 2.36 5.01 -42.60
N ILE A 441 2.95 3.85 -42.37
CA ILE A 441 4.40 3.74 -42.44
C ILE A 441 4.88 3.96 -43.88
N THR A 442 4.09 3.57 -44.87
CA THR A 442 4.46 3.83 -46.25
C THR A 442 4.58 5.32 -46.51
N GLN A 443 3.58 6.10 -46.08
CA GLN A 443 3.67 7.54 -46.24
C GLN A 443 4.85 8.12 -45.48
N PHE A 444 5.05 7.66 -44.23
CA PHE A 444 6.15 8.17 -43.42
C PHE A 444 7.49 7.93 -44.09
N VAL A 445 7.70 6.72 -44.62
CA VAL A 445 8.97 6.38 -45.24
C VAL A 445 9.15 7.11 -46.57
N ARG A 446 8.07 7.25 -47.34
CA ARG A 446 8.15 7.97 -48.61
C ARG A 446 8.51 9.44 -48.39
N ASN A 447 7.94 10.05 -47.35
CA ASN A 447 8.24 11.46 -47.07
C ASN A 447 9.72 11.68 -46.76
N LEU A 448 10.43 10.65 -46.29
CA LEU A 448 11.85 10.77 -45.99
C LEU A 448 12.74 10.37 -47.15
N GLY A 449 12.16 9.92 -48.27
CA GLY A 449 12.96 9.46 -49.38
C GLY A 449 13.61 8.10 -49.17
N LEU A 450 13.04 7.28 -48.29
CA LEU A 450 13.59 5.98 -47.95
C LEU A 450 12.66 4.85 -48.39
N GLU A 451 11.92 5.05 -49.48
CA GLU A 451 10.97 4.04 -49.92
C GLU A 451 11.65 2.73 -50.29
N HIS A 452 12.92 2.77 -50.67
CA HIS A 452 13.62 1.56 -51.05
C HIS A 452 13.79 0.60 -49.88
N LEU A 453 13.60 1.07 -48.65
CA LEU A 453 13.63 0.20 -47.47
C LEU A 453 12.32 -0.53 -47.24
N MET A 454 11.25 -0.19 -47.97
CA MET A 454 9.94 -0.71 -47.66
C MET A 454 9.93 -2.23 -47.60
N ASP A 455 10.69 -2.88 -48.50
CA ASP A 455 10.73 -4.34 -48.50
C ASP A 455 11.03 -4.87 -47.12
N ILE A 456 12.08 -4.35 -46.47
CA ILE A 456 12.41 -4.81 -45.13
C ILE A 456 11.22 -4.61 -44.20
N PHE A 457 10.66 -3.41 -44.20
CA PHE A 457 9.53 -3.13 -43.31
C PHE A 457 8.36 -4.05 -43.61
N GLU A 458 8.23 -4.49 -44.86
CA GLU A 458 7.14 -5.41 -45.20
C GLU A 458 7.40 -6.80 -44.64
N ARG A 459 8.65 -7.26 -44.69
CA ARG A 459 8.94 -8.62 -44.24
C ARG A 459 8.92 -8.73 -42.73
N GLU A 460 9.36 -7.68 -42.03
CA GLU A 460 9.41 -7.68 -40.59
C GLU A 460 8.12 -7.19 -39.94
N GLN A 461 7.09 -6.89 -40.74
CA GLN A 461 5.80 -6.47 -40.22
C GLN A 461 5.94 -5.23 -39.33
N ILE A 462 6.75 -4.28 -39.78
CA ILE A 462 7.00 -3.05 -39.02
C ILE A 462 5.91 -2.05 -39.38
N THR A 463 5.03 -1.77 -38.43
CA THR A 463 4.04 -0.72 -38.56
C THR A 463 4.56 0.55 -37.88
N LEU A 464 3.85 1.66 -38.10
CA LEU A 464 4.31 2.94 -37.57
C LEU A 464 4.40 2.92 -36.06
N ASP A 465 3.43 2.28 -35.39
CA ASP A 465 3.48 2.19 -33.93
C ASP A 465 4.71 1.42 -33.47
N VAL A 466 5.07 0.34 -34.18
CA VAL A 466 6.31 -0.36 -33.89
C VAL A 466 7.51 0.53 -34.18
N LEU A 467 7.48 1.25 -35.31
CA LEU A 467 8.64 2.02 -35.73
C LEU A 467 8.97 3.13 -34.74
N VAL A 468 7.94 3.79 -34.19
CA VAL A 468 8.19 4.91 -33.29
C VAL A 468 8.84 4.49 -31.98
N GLU A 469 9.03 3.19 -31.75
CA GLU A 469 9.67 2.68 -30.54
C GLU A 469 11.02 2.03 -30.84
N MET A 470 11.60 2.28 -32.00
CA MET A 470 12.81 1.60 -32.44
C MET A 470 13.96 2.60 -32.52
N GLY A 471 15.08 2.27 -31.87
CA GLY A 471 16.29 3.07 -31.93
C GLY A 471 17.30 2.50 -32.90
N HIS A 472 18.55 2.94 -32.73
CA HIS A 472 19.61 2.47 -33.61
C HIS A 472 19.81 0.97 -33.49
N LYS A 473 19.78 0.45 -32.26
CA LYS A 473 20.00 -0.99 -32.05
C LYS A 473 18.94 -1.83 -32.75
N GLU A 474 17.67 -1.50 -32.53
CA GLU A 474 16.59 -2.27 -33.15
C GLU A 474 16.64 -2.16 -34.67
N LEU A 475 16.87 -0.95 -35.18
CA LEU A 475 16.92 -0.76 -36.63
C LEU A 475 18.07 -1.56 -37.23
N LYS A 476 19.20 -1.64 -36.52
CA LYS A 476 20.29 -2.49 -36.99
C LYS A 476 19.92 -3.96 -36.94
N GLU A 477 19.10 -4.36 -35.96
CA GLU A 477 18.70 -5.76 -35.87
C GLU A 477 17.94 -6.21 -37.11
N ILE A 478 17.12 -5.35 -37.71
CA ILE A 478 16.28 -5.75 -38.83
C ILE A 478 16.94 -5.50 -40.19
N GLY A 479 18.18 -5.00 -40.22
CA GLY A 479 18.92 -4.87 -41.45
C GLY A 479 19.07 -3.47 -42.01
N ILE A 480 18.79 -2.43 -41.23
CA ILE A 480 19.10 -1.08 -41.64
C ILE A 480 20.55 -0.80 -41.25
N ASN A 481 21.47 -1.08 -42.18
CA ASN A 481 22.89 -1.07 -41.87
C ASN A 481 23.53 0.30 -42.01
N ALA A 482 23.05 1.13 -42.94
CA ALA A 482 23.61 2.46 -43.11
C ALA A 482 23.19 3.37 -41.96
N TYR A 483 24.16 4.11 -41.42
CA TYR A 483 23.87 5.02 -40.32
C TYR A 483 22.97 6.17 -40.75
N GLY A 484 23.11 6.65 -41.99
CA GLY A 484 22.30 7.76 -42.44
C GLY A 484 20.81 7.43 -42.48
N HIS A 485 20.47 6.22 -42.93
CA HIS A 485 19.08 5.81 -42.98
C HIS A 485 18.47 5.75 -41.59
N ARG A 486 19.20 5.15 -40.65
CA ARG A 486 18.72 5.08 -39.27
C ARG A 486 18.57 6.48 -38.68
N HIS A 487 19.53 7.36 -38.96
CA HIS A 487 19.46 8.73 -38.47
C HIS A 487 18.22 9.43 -38.98
N LYS A 488 17.94 9.30 -40.29
CA LYS A 488 16.77 9.92 -40.86
C LYS A 488 15.49 9.37 -40.26
N LEU A 489 15.41 8.05 -40.08
CA LEU A 489 14.21 7.45 -39.52
C LEU A 489 13.97 7.93 -38.09
N ILE A 490 15.02 7.94 -37.27
CA ILE A 490 14.87 8.37 -35.87
C ILE A 490 14.49 9.84 -35.80
N LYS A 491 15.12 10.67 -36.64
CA LYS A 491 14.79 12.09 -36.63
C LYS A 491 13.35 12.33 -37.07
N GLY A 492 12.88 11.57 -38.07
CA GLY A 492 11.48 11.70 -38.48
C GLY A 492 10.52 11.30 -37.39
N VAL A 493 10.82 10.20 -36.69
CA VAL A 493 9.97 9.77 -35.58
C VAL A 493 9.94 10.85 -34.51
N GLU A 494 11.09 11.46 -34.21
CA GLU A 494 11.12 12.53 -33.22
C GLU A 494 10.30 13.73 -33.68
N ARG A 495 10.42 14.11 -34.95
CA ARG A 495 9.65 15.24 -35.46
C ARG A 495 8.16 14.97 -35.41
N LEU A 496 7.76 13.70 -35.53
CA LEU A 496 6.35 13.37 -35.45
C LEU A 496 5.86 13.37 -34.00
N ILE A 497 6.49 12.57 -33.14
CA ILE A 497 5.96 12.36 -31.79
C ILE A 497 6.10 13.63 -30.95
N SER A 498 7.26 14.26 -30.99
CA SER A 498 7.50 15.45 -30.18
C SER A 498 7.15 16.74 -30.90
N GLY A 499 7.45 16.83 -32.21
CA GLY A 499 7.16 18.05 -32.94
C GLY A 499 5.69 18.38 -32.99
N GLN A 500 4.83 17.37 -33.04
CA GLN A 500 3.39 17.58 -33.08
C GLN A 500 2.74 16.98 -31.84
N GLN A 501 3.35 17.22 -30.67
CA GLN A 501 2.83 16.65 -29.43
C GLN A 501 1.40 17.09 -29.17
N GLY A 502 1.07 18.33 -29.51
CA GLY A 502 -0.28 18.82 -29.27
C GLY A 502 -1.34 18.02 -30.00
N LEU A 503 -0.99 17.43 -31.13
CA LEU A 503 -1.92 16.55 -31.84
C LEU A 503 -2.00 15.17 -31.22
N ASN A 504 -1.08 14.82 -30.33
CA ASN A 504 -1.06 13.53 -29.65
C ASN A 504 -1.06 12.36 -30.64
N PRO A 505 -0.13 12.34 -31.61
CA PRO A 505 -0.03 11.18 -32.49
C PRO A 505 0.31 9.89 -31.74
N TYR A 506 1.05 10.00 -30.64
CA TYR A 506 1.46 8.80 -29.91
C TYR A 506 0.26 8.05 -29.36
N LEU A 507 -0.71 8.77 -28.78
CA LEU A 507 -1.89 8.10 -28.25
C LEU A 507 -2.68 7.42 -29.36
N THR A 508 -2.75 8.04 -30.54
CA THR A 508 -3.41 7.40 -31.67
C THR A 508 -2.76 6.08 -32.04
N LEU A 509 -1.43 5.99 -31.91
CA LEU A 509 -0.69 4.80 -32.30
C LEU A 509 -0.57 3.76 -31.19
N ASN A 510 -0.96 4.08 -29.96
CA ASN A 510 -0.72 3.23 -28.81
C ASN A 510 -2.03 2.72 -28.20
N THR A 511 -3.00 2.42 -29.05
CA THR A 511 -4.25 1.82 -28.62
C THR A 511 -4.21 0.29 -28.66
N SER A 512 -3.17 -0.30 -29.22
CA SER A 512 -3.06 -1.75 -29.34
C SER A 512 -2.48 -2.33 -28.05
N GLY A 513 -3.08 -3.42 -27.59
CA GLY A 513 -2.73 -4.02 -26.33
C GLY A 513 -3.53 -3.55 -25.15
N SER A 514 -4.20 -2.40 -25.27
CA SER A 514 -5.05 -1.92 -24.20
C SER A 514 -6.29 -2.79 -24.08
N GLY A 515 -6.96 -2.70 -22.94
CA GLY A 515 -8.11 -3.52 -22.64
C GLY A 515 -7.84 -4.44 -21.46
N THR A 516 -8.87 -5.18 -21.10
CA THR A 516 -8.84 -6.03 -19.92
C THR A 516 -8.50 -7.46 -20.31
N ILE A 517 -7.75 -8.13 -19.44
CA ILE A 517 -7.58 -9.58 -19.53
C ILE A 517 -7.95 -10.17 -18.18
N LEU A 518 -8.36 -11.44 -18.21
CA LEU A 518 -8.76 -12.18 -17.03
C LEU A 518 -7.84 -13.36 -16.86
N ILE A 519 -7.19 -13.46 -15.71
CA ILE A 519 -6.26 -14.54 -15.41
C ILE A 519 -6.92 -15.45 -14.38
N ASP A 520 -7.12 -16.71 -14.74
CA ASP A 520 -7.75 -17.66 -13.83
C ASP A 520 -6.78 -18.07 -12.73
N LEU A 521 -7.25 -18.04 -11.49
CA LEU A 521 -6.46 -18.54 -10.37
C LEU A 521 -6.58 -20.06 -10.27
N SER A 522 -5.49 -20.70 -9.88
CA SER A 522 -5.52 -22.13 -9.65
C SER A 522 -6.20 -22.42 -8.31
N PRO A 523 -7.18 -23.32 -8.27
CA PRO A 523 -7.82 -23.63 -6.98
C PRO A 523 -6.86 -24.17 -5.93
N ASP A 524 -5.72 -24.71 -6.35
CA ASP A 524 -4.74 -25.24 -5.41
C ASP A 524 -3.83 -24.17 -4.82
N ASP A 525 -3.81 -22.97 -5.38
CA ASP A 525 -2.97 -21.91 -4.88
C ASP A 525 -3.63 -21.22 -3.68
N LYS A 526 -2.80 -20.58 -2.86
CA LYS A 526 -3.30 -19.95 -1.63
C LYS A 526 -4.05 -18.66 -1.89
N GLU A 527 -3.83 -18.00 -3.03
CA GLU A 527 -4.61 -16.81 -3.36
C GLU A 527 -6.09 -17.16 -3.55
N PHE A 528 -6.35 -18.20 -4.34
CA PHE A 528 -7.71 -18.69 -4.52
C PHE A 528 -8.32 -19.10 -3.19
N GLN A 529 -7.56 -19.82 -2.37
CA GLN A 529 -8.08 -20.29 -1.09
C GLN A 529 -8.39 -19.13 -0.17
N SER A 530 -7.56 -18.10 -0.16
CA SER A 530 -7.81 -16.93 0.67
C SER A 530 -9.06 -16.20 0.22
N VAL A 531 -9.22 -16.00 -1.09
CA VAL A 531 -10.42 -15.32 -1.59
C VAL A 531 -11.66 -16.12 -1.25
N GLU A 532 -11.60 -17.45 -1.43
CA GLU A 532 -12.74 -18.29 -1.10
C GLU A 532 -13.07 -18.25 0.39
N GLU A 533 -12.03 -18.28 1.23
CA GLU A 533 -12.26 -18.22 2.68
C GLU A 533 -12.94 -16.91 3.06
N GLU A 534 -12.52 -15.81 2.45
CA GLU A 534 -13.17 -14.53 2.74
C GLU A 534 -14.60 -14.53 2.25
N MET A 535 -14.85 -15.12 1.08
CA MET A 535 -16.22 -15.19 0.56
C MET A 535 -17.12 -15.99 1.50
N GLN A 536 -16.65 -17.16 1.94
CA GLN A 536 -17.50 -18.06 2.72
C GLN A 536 -17.69 -17.56 4.15
N SER A 537 -16.61 -17.08 4.78
CA SER A 537 -16.66 -16.77 6.20
C SER A 537 -17.50 -15.54 6.51
N THR A 538 -17.88 -14.75 5.51
CA THR A 538 -18.62 -13.52 5.73
C THR A 538 -20.10 -13.63 5.40
N VAL A 539 -20.62 -14.85 5.21
CA VAL A 539 -22.06 -15.02 5.03
C VAL A 539 -22.76 -14.83 6.37
N ARG A 540 -23.98 -14.31 6.32
CA ARG A 540 -24.77 -14.10 7.54
C ARG A 540 -26.24 -14.01 7.17
N GLU A 541 -27.10 -14.15 8.19
CA GLU A 541 -28.52 -13.91 7.99
C GLU A 541 -28.79 -12.43 7.84
N HIS A 542 -29.81 -12.10 7.06
CA HIS A 542 -30.17 -10.72 6.78
C HIS A 542 -31.55 -10.42 7.33
N ARG A 543 -31.84 -9.11 7.45
CA ARG A 543 -33.09 -8.68 8.05
C ARG A 543 -34.28 -9.30 7.32
N ASP A 544 -34.26 -9.29 6.00
CA ASP A 544 -35.25 -10.04 5.22
C ASP A 544 -34.86 -11.50 5.16
N GLY A 545 -35.85 -12.37 5.12
CA GLY A 545 -35.61 -13.81 5.14
C GLY A 545 -35.06 -14.33 3.83
N GLY A 546 -33.90 -13.81 3.41
CA GLY A 546 -33.32 -14.23 2.15
C GLY A 546 -34.15 -13.87 0.94
N HIS A 547 -35.01 -12.86 1.06
CA HIS A 547 -35.89 -12.49 -0.05
C HIS A 547 -35.09 -11.98 -1.24
N ALA A 548 -34.08 -11.15 -0.98
CA ALA A 548 -33.35 -10.50 -2.07
C ALA A 548 -32.27 -11.42 -2.64
N GLY A 549 -31.43 -11.97 -1.79
CA GLY A 549 -30.31 -12.77 -2.25
C GLY A 549 -30.55 -14.27 -2.21
N GLY A 550 -31.69 -14.69 -1.68
CA GLY A 550 -31.99 -16.10 -1.54
C GLY A 550 -31.64 -16.64 -0.17
N ILE A 551 -31.86 -17.94 0.00
CA ILE A 551 -31.61 -18.64 1.26
C ILE A 551 -30.43 -19.58 1.02
N PHE A 552 -29.40 -19.46 1.85
CA PHE A 552 -28.20 -20.28 1.72
C PHE A 552 -27.30 -20.02 2.92
N ASN A 553 -26.42 -20.98 3.18
CA ASN A 553 -25.39 -20.84 4.20
C ASN A 553 -23.98 -20.79 3.61
N ARG A 554 -23.80 -21.24 2.37
CA ARG A 554 -22.48 -21.43 1.80
C ARG A 554 -22.58 -21.23 0.29
N TYR A 555 -21.43 -20.98 -0.32
CA TYR A 555 -21.33 -20.85 -1.77
C TYR A 555 -20.63 -22.07 -2.37
N ASN A 556 -20.85 -22.25 -3.66
CA ASN A 556 -20.06 -23.16 -4.49
C ASN A 556 -19.30 -22.28 -5.48
N ILE A 557 -18.00 -22.15 -5.29
CA ILE A 557 -17.17 -21.26 -6.10
C ILE A 557 -16.76 -22.02 -7.36
N LEU A 558 -17.16 -21.50 -8.52
CA LEU A 558 -16.80 -22.15 -9.78
C LEU A 558 -15.43 -21.71 -10.26
N LYS A 559 -15.16 -20.41 -10.22
CA LYS A 559 -13.85 -19.91 -10.57
C LYS A 559 -13.67 -18.49 -10.03
N ILE A 560 -12.42 -18.10 -9.89
CA ILE A 560 -12.04 -16.75 -9.47
C ILE A 560 -10.99 -16.24 -10.44
N GLN A 561 -11.16 -15.01 -10.92
CA GLN A 561 -10.28 -14.44 -11.93
C GLN A 561 -9.71 -13.11 -11.46
N LYS A 562 -8.48 -12.84 -11.90
CA LYS A 562 -7.81 -11.56 -11.68
C LYS A 562 -8.03 -10.69 -12.90
N VAL A 563 -8.48 -9.45 -12.66
CA VAL A 563 -8.82 -8.49 -13.71
C VAL A 563 -7.62 -7.58 -13.91
N CYS A 564 -7.09 -7.54 -15.13
CA CYS A 564 -5.89 -6.77 -15.44
C CYS A 564 -6.22 -5.76 -16.53
N ASN A 565 -6.08 -4.48 -16.20
CA ASN A 565 -6.29 -3.39 -17.15
C ASN A 565 -5.36 -2.26 -16.77
N LYS A 566 -4.40 -1.94 -17.66
CA LYS A 566 -3.34 -1.02 -17.29
C LYS A 566 -3.85 0.40 -17.09
N LYS A 567 -4.73 0.88 -17.97
CA LYS A 567 -5.22 2.25 -17.86
C LYS A 567 -6.01 2.45 -16.58
N LEU A 568 -6.92 1.51 -16.29
CA LEU A 568 -7.75 1.63 -15.09
C LEU A 568 -6.91 1.49 -13.83
N TRP A 569 -5.93 0.59 -13.84
CA TRP A 569 -5.03 0.46 -12.70
C TRP A 569 -4.24 1.74 -12.48
N GLU A 570 -3.76 2.37 -13.56
CA GLU A 570 -3.01 3.60 -13.42
C GLU A 570 -3.89 4.72 -12.86
N ARG A 571 -5.13 4.81 -13.33
CA ARG A 571 -6.05 5.80 -12.77
C ARG A 571 -6.27 5.57 -11.28
N TYR A 572 -6.48 4.30 -10.90
CA TYR A 572 -6.70 3.98 -9.49
C TYR A 572 -5.48 4.34 -8.65
N THR A 573 -4.27 4.02 -9.14
CA THR A 573 -3.07 4.29 -8.35
C THR A 573 -2.81 5.79 -8.23
N HIS A 574 -3.08 6.55 -9.30
CA HIS A 574 -2.93 8.00 -9.22
C HIS A 574 -3.86 8.57 -8.15
N ARG A 575 -5.12 8.12 -8.15
CA ARG A 575 -6.05 8.62 -7.14
C ARG A 575 -5.62 8.18 -5.74
N ARG A 576 -5.12 6.95 -5.61
CA ARG A 576 -4.67 6.47 -4.30
C ARG A 576 -3.52 7.32 -3.77
N LYS A 577 -2.56 7.65 -4.64
CA LYS A 577 -1.47 8.54 -4.24
C LYS A 577 -2.01 9.89 -3.79
N GLU A 578 -2.92 10.46 -4.57
CA GLU A 578 -3.46 11.77 -4.23
C GLU A 578 -4.17 11.75 -2.88
N VAL A 579 -4.91 10.67 -2.60
CA VAL A 579 -5.63 10.57 -1.33
C VAL A 579 -4.65 10.39 -0.18
N SER A 580 -3.60 9.56 -0.38
CA SER A 580 -2.63 9.35 0.69
C SER A 580 -1.94 10.64 1.07
N GLU A 581 -1.59 11.47 0.08
CA GLU A 581 -0.94 12.74 0.42
C GLU A 581 -1.83 13.62 1.28
N GLU A 582 -3.15 13.42 1.25
CA GLU A 582 -4.08 14.19 2.05
C GLU A 582 -4.41 13.55 3.39
N ASN A 583 -3.91 12.35 3.66
CA ASN A 583 -4.28 11.56 4.83
C ASN A 583 -3.04 11.01 5.51
N HIS A 584 -2.09 11.89 5.76
CA HIS A 584 -0.81 11.57 6.43
C HIS A 584 -0.22 10.27 5.89
N ASN A 585 -0.04 10.25 4.57
CA ASN A 585 0.68 9.17 3.89
C ASN A 585 0.02 7.81 4.08
N HIS A 586 -1.30 7.79 4.23
CA HIS A 586 -2.05 6.56 4.44
C HIS A 586 -3.27 6.55 3.53
N ALA A 587 -3.33 5.60 2.61
CA ALA A 587 -4.48 5.48 1.71
C ALA A 587 -5.70 4.89 2.41
N ASN A 588 -5.52 4.12 3.47
CA ASN A 588 -6.61 3.42 4.14
C ASN A 588 -7.30 2.45 3.18
N GLU A 589 -6.50 1.62 2.54
CA GLU A 589 -6.98 0.70 1.52
C GLU A 589 -7.68 -0.50 2.16
N ARG A 590 -8.75 -0.96 1.51
CA ARG A 590 -9.51 -2.12 1.98
C ARG A 590 -9.87 -2.99 0.79
N MET A 591 -10.30 -4.20 1.09
CA MET A 591 -10.85 -5.11 0.09
C MET A 591 -12.30 -5.39 0.44
N LEU A 592 -13.20 -5.08 -0.48
CA LEU A 592 -14.64 -5.13 -0.21
C LEU A 592 -15.38 -5.79 -1.36
N PHE A 593 -16.54 -6.34 -1.05
CA PHE A 593 -17.37 -6.98 -2.07
C PHE A 593 -18.29 -5.96 -2.73
N HIS A 594 -18.58 -6.21 -4.01
CA HIS A 594 -19.51 -5.40 -4.78
C HIS A 594 -20.34 -6.32 -5.65
N GLY A 595 -21.67 -6.13 -5.60
CA GLY A 595 -22.60 -6.85 -6.44
C GLY A 595 -23.34 -5.88 -7.36
N SER A 596 -23.40 -6.23 -8.64
CA SER A 596 -23.99 -5.35 -9.63
C SER A 596 -24.40 -6.18 -10.84
N PRO A 597 -25.53 -5.89 -11.48
CA PRO A 597 -25.85 -6.57 -12.73
C PRO A 597 -24.98 -6.12 -13.90
N PHE A 598 -24.15 -5.09 -13.72
CA PHE A 598 -23.29 -4.56 -14.77
C PHE A 598 -21.83 -4.84 -14.49
N VAL A 599 -21.52 -6.05 -14.00
CA VAL A 599 -20.14 -6.40 -13.66
C VAL A 599 -19.24 -6.29 -14.88
N ASN A 600 -19.74 -6.71 -16.05
CA ASN A 600 -18.92 -6.69 -17.25
C ASN A 600 -18.50 -5.27 -17.61
N ALA A 601 -19.44 -4.33 -17.55
CA ALA A 601 -19.12 -2.94 -17.83
C ALA A 601 -18.08 -2.40 -16.86
N ILE A 602 -18.18 -2.80 -15.58
CA ILE A 602 -17.20 -2.33 -14.60
C ILE A 602 -15.82 -2.88 -14.92
N ILE A 603 -15.72 -4.19 -15.19
CA ILE A 603 -14.41 -4.78 -15.42
C ILE A 603 -13.78 -4.24 -16.69
N HIS A 604 -14.58 -3.84 -17.67
CA HIS A 604 -14.01 -3.35 -18.92
C HIS A 604 -13.80 -1.84 -18.93
N LYS A 605 -14.55 -1.08 -18.14
CA LYS A 605 -14.44 0.36 -18.11
C LYS A 605 -14.16 0.94 -16.74
N GLY A 606 -14.24 0.14 -15.68
CA GLY A 606 -13.94 0.59 -14.35
C GLY A 606 -15.16 1.17 -13.63
N PHE A 607 -15.00 1.40 -12.34
CA PHE A 607 -16.05 2.01 -11.55
C PHE A 607 -16.25 3.45 -11.98
N ASP A 608 -17.51 3.89 -11.98
CA ASP A 608 -17.89 5.20 -12.47
C ASP A 608 -18.98 5.77 -11.58
N GLU A 609 -18.72 6.92 -10.97
CA GLU A 609 -19.72 7.55 -10.12
C GLU A 609 -20.88 8.12 -10.93
N ARG A 610 -20.76 8.20 -12.26
CA ARG A 610 -21.89 8.59 -13.08
C ARG A 610 -22.95 7.49 -13.17
N HIS A 611 -22.59 6.26 -12.78
CA HIS A 611 -23.55 5.17 -12.63
C HIS A 611 -23.71 4.79 -11.17
N ALA A 612 -23.78 5.80 -10.30
CA ALA A 612 -23.91 5.58 -8.88
C ALA A 612 -25.28 5.02 -8.52
N TYR A 613 -25.39 4.51 -7.31
CA TYR A 613 -26.66 4.04 -6.75
C TYR A 613 -27.39 5.27 -6.23
N ILE A 614 -28.24 5.86 -7.09
CA ILE A 614 -28.86 7.14 -6.79
C ILE A 614 -29.75 7.04 -5.56
N GLY A 615 -30.52 5.96 -5.46
CA GLY A 615 -31.47 5.78 -4.38
C GLY A 615 -30.92 5.22 -3.10
N GLY A 616 -29.60 5.12 -2.97
CA GLY A 616 -29.02 4.51 -1.78
C GLY A 616 -29.29 5.34 -0.54
N MET A 617 -29.13 4.67 0.62
CA MET A 617 -29.43 5.30 1.89
C MET A 617 -28.48 6.45 2.19
N PHE A 618 -27.23 6.36 1.72
CA PHE A 618 -26.23 7.39 1.95
C PHE A 618 -26.06 8.33 0.76
N GLY A 619 -27.00 8.32 -0.19
CA GLY A 619 -26.92 9.21 -1.33
C GLY A 619 -26.46 8.51 -2.58
N ALA A 620 -26.05 9.33 -3.55
CA ALA A 620 -25.65 8.85 -4.88
C ALA A 620 -24.15 8.55 -4.87
N GLY A 621 -23.84 7.30 -4.53
CA GLY A 621 -22.45 6.86 -4.53
C GLY A 621 -22.30 5.43 -4.99
N ILE A 622 -21.11 4.86 -4.76
CA ILE A 622 -20.82 3.47 -5.06
C ILE A 622 -20.64 2.76 -3.73
N TYR A 623 -21.37 1.67 -3.55
CA TYR A 623 -21.49 0.99 -2.26
C TYR A 623 -20.71 -0.32 -2.25
N PHE A 624 -20.05 -0.60 -1.13
CA PHE A 624 -19.30 -1.83 -0.93
C PHE A 624 -19.60 -2.39 0.45
N ALA A 625 -19.49 -3.70 0.58
CA ALA A 625 -19.84 -4.39 1.82
C ALA A 625 -18.73 -5.34 2.23
N GLU A 626 -18.51 -5.46 3.54
CA GLU A 626 -17.59 -6.48 4.05
C GLU A 626 -18.22 -7.86 4.04
N ASN A 627 -19.53 -7.95 4.24
CA ASN A 627 -20.23 -9.22 4.10
C ASN A 627 -20.47 -9.53 2.63
N SER A 628 -20.11 -10.76 2.23
CA SER A 628 -20.32 -11.15 0.84
C SER A 628 -21.80 -11.33 0.53
N SER A 629 -22.58 -11.75 1.52
CA SER A 629 -24.01 -11.98 1.30
C SER A 629 -24.75 -10.67 1.02
N LYS A 630 -24.34 -9.58 1.69
CA LYS A 630 -25.00 -8.30 1.45
C LYS A 630 -24.80 -7.84 0.02
N SER A 631 -23.59 -8.00 -0.52
CA SER A 631 -23.36 -7.67 -1.93
C SER A 631 -24.05 -8.66 -2.85
N ASN A 632 -24.13 -9.93 -2.44
CA ASN A 632 -24.86 -10.91 -3.23
C ASN A 632 -26.33 -10.53 -3.38
N GLN A 633 -26.88 -9.81 -2.40
CA GLN A 633 -28.26 -9.36 -2.51
C GLN A 633 -28.48 -8.44 -3.70
N TYR A 634 -27.42 -7.86 -4.27
CA TYR A 634 -27.55 -6.91 -5.38
C TYR A 634 -27.08 -7.47 -6.72
N VAL A 635 -26.75 -8.76 -6.79
CA VAL A 635 -26.18 -9.31 -8.02
C VAL A 635 -27.14 -9.15 -9.19
N TYR A 636 -28.44 -9.30 -8.94
CA TYR A 636 -29.45 -9.18 -9.99
C TYR A 636 -30.15 -7.84 -9.99
N GLY A 637 -29.76 -6.91 -9.13
CA GLY A 637 -30.35 -5.59 -9.06
C GLY A 637 -30.75 -5.22 -7.65
N ILE A 638 -31.32 -4.02 -7.53
CA ILE A 638 -31.76 -3.53 -6.23
C ILE A 638 -32.83 -4.46 -5.67
N GLY A 639 -32.67 -4.85 -4.42
CA GLY A 639 -33.60 -5.78 -3.81
C GLY A 639 -33.63 -7.14 -4.47
N GLY A 640 -32.55 -7.52 -5.15
CA GLY A 640 -32.51 -8.76 -5.90
C GLY A 640 -33.12 -8.70 -7.27
N GLY A 641 -33.68 -7.55 -7.66
CA GLY A 641 -34.30 -7.45 -8.97
C GLY A 641 -35.44 -8.44 -9.10
N THR A 642 -35.43 -9.18 -10.21
CA THR A 642 -36.43 -10.20 -10.49
C THR A 642 -35.84 -11.59 -10.50
N GLY A 643 -34.63 -11.76 -10.00
CA GLY A 643 -33.99 -13.06 -9.99
C GLY A 643 -33.16 -13.32 -11.22
N CYS A 644 -32.72 -14.56 -11.36
CA CYS A 644 -31.89 -14.92 -12.50
C CYS A 644 -32.70 -14.86 -13.80
N PRO A 645 -32.05 -14.48 -14.91
CA PRO A 645 -32.79 -14.21 -16.15
C PRO A 645 -33.48 -15.42 -16.75
N VAL A 646 -33.04 -16.64 -16.42
CA VAL A 646 -33.61 -17.84 -17.03
C VAL A 646 -34.86 -18.27 -16.27
N HIS A 647 -34.86 -18.07 -14.96
CA HIS A 647 -35.84 -18.65 -14.05
C HIS A 647 -36.72 -17.57 -13.43
N LYS A 648 -36.27 -16.32 -13.43
CA LYS A 648 -36.90 -15.24 -12.69
C LYS A 648 -37.01 -15.58 -11.20
N ASP A 649 -35.99 -16.27 -10.69
CA ASP A 649 -35.95 -16.72 -9.30
C ASP A 649 -34.78 -16.06 -8.60
N ARG A 650 -35.06 -15.35 -7.50
CA ARG A 650 -34.02 -14.69 -6.74
C ARG A 650 -33.20 -15.65 -5.89
N SER A 651 -33.71 -16.86 -5.66
CA SER A 651 -33.04 -17.87 -4.84
C SER A 651 -32.62 -19.08 -5.66
N CYS A 652 -32.37 -18.90 -6.95
CA CYS A 652 -32.04 -20.02 -7.82
C CYS A 652 -30.70 -20.62 -7.42
N TYR A 653 -30.62 -21.96 -7.50
CA TYR A 653 -29.42 -22.70 -7.14
C TYR A 653 -28.71 -23.28 -8.35
N ILE A 654 -29.14 -22.91 -9.56
CA ILE A 654 -28.56 -23.42 -10.80
C ILE A 654 -27.77 -22.34 -11.52
N CYS A 655 -28.31 -21.13 -11.57
CA CYS A 655 -27.79 -20.09 -12.43
C CYS A 655 -26.58 -19.41 -11.81
N HIS A 656 -25.57 -19.12 -12.64
CA HIS A 656 -24.27 -18.64 -12.18
C HIS A 656 -24.35 -17.17 -11.82
N ARG A 657 -23.84 -16.83 -10.64
CA ARG A 657 -23.75 -15.45 -10.17
C ARG A 657 -22.30 -14.98 -10.21
N GLN A 658 -22.13 -13.66 -10.22
CA GLN A 658 -20.82 -13.03 -10.25
C GLN A 658 -20.75 -11.91 -9.22
N LEU A 659 -19.66 -11.89 -8.46
CA LEU A 659 -19.36 -10.82 -7.51
C LEU A 659 -17.99 -10.24 -7.83
N LEU A 660 -17.73 -9.04 -7.33
CA LEU A 660 -16.42 -8.43 -7.44
C LEU A 660 -15.82 -8.26 -6.05
N PHE A 661 -14.57 -8.68 -5.89
CA PHE A 661 -13.78 -8.40 -4.69
C PHE A 661 -12.77 -7.32 -5.09
N CYS A 662 -12.94 -6.13 -4.54
CA CYS A 662 -12.36 -4.91 -5.10
C CYS A 662 -11.48 -4.18 -4.09
N ARG A 663 -10.43 -3.57 -4.61
CA ARG A 663 -9.56 -2.66 -3.88
C ARG A 663 -10.24 -1.30 -3.78
N VAL A 664 -10.46 -0.82 -2.55
CA VAL A 664 -11.18 0.43 -2.31
C VAL A 664 -10.35 1.33 -1.42
N THR A 665 -10.13 2.56 -1.87
CA THR A 665 -9.42 3.56 -1.08
C THR A 665 -10.43 4.40 -0.30
N LEU A 666 -10.33 4.36 1.04
CA LEU A 666 -11.25 5.11 1.88
C LEU A 666 -10.67 6.42 2.39
N GLY A 667 -9.35 6.50 2.54
CA GLY A 667 -8.76 7.71 3.11
C GLY A 667 -9.35 8.01 4.47
N LYS A 668 -9.66 9.27 4.71
CA LYS A 668 -10.40 9.67 5.90
C LYS A 668 -11.88 9.40 5.68
N SER A 669 -12.44 8.49 6.45
CA SER A 669 -13.81 8.04 6.26
C SER A 669 -14.70 8.65 7.33
N PHE A 670 -15.82 9.25 6.90
CA PHE A 670 -16.79 9.81 7.83
C PHE A 670 -17.70 8.71 8.35
N LEU A 671 -17.85 8.63 9.67
CA LEU A 671 -18.69 7.62 10.30
C LEU A 671 -20.13 8.13 10.34
N GLN A 672 -21.01 7.43 9.61
CA GLN A 672 -22.40 7.83 9.46
C GLN A 672 -23.27 6.86 10.25
N PHE A 673 -24.14 7.40 11.10
CA PHE A 673 -24.99 6.58 11.95
C PHE A 673 -26.44 6.53 11.47
N SER A 674 -26.85 7.44 10.59
CA SER A 674 -28.22 7.49 10.10
C SER A 674 -28.20 7.78 8.61
N ALA A 675 -29.31 7.47 7.95
CA ALA A 675 -29.44 7.73 6.53
C ALA A 675 -29.29 9.22 6.24
N MET A 676 -28.54 9.53 5.18
CA MET A 676 -28.31 10.92 4.80
C MET A 676 -27.98 10.93 3.31
N LYS A 677 -28.81 11.60 2.52
CA LYS A 677 -28.61 11.64 1.07
C LYS A 677 -27.64 12.78 0.76
N MET A 678 -26.42 12.42 0.41
CA MET A 678 -25.38 13.38 0.04
C MET A 678 -24.82 13.02 -1.32
N ALA A 679 -24.58 14.05 -2.14
CA ALA A 679 -24.06 13.81 -3.49
C ALA A 679 -22.58 13.45 -3.46
N HIS A 680 -21.81 14.09 -2.59
CA HIS A 680 -20.37 13.91 -2.53
C HIS A 680 -19.96 13.63 -1.09
N SER A 681 -18.66 13.39 -0.89
CA SER A 681 -18.15 13.12 0.45
C SER A 681 -18.27 14.35 1.33
N PRO A 682 -18.36 14.18 2.65
CA PRO A 682 -18.32 15.34 3.53
C PRO A 682 -17.00 16.07 3.39
N PRO A 683 -16.98 17.38 3.64
CA PRO A 683 -15.73 18.12 3.51
C PRO A 683 -14.61 17.52 4.36
N GLY A 684 -13.44 17.38 3.75
CA GLY A 684 -12.28 16.84 4.44
C GLY A 684 -12.21 15.32 4.46
N HIS A 685 -13.20 14.63 3.93
CA HIS A 685 -13.24 13.17 3.95
C HIS A 685 -13.24 12.64 2.53
N HIS A 686 -12.91 11.35 2.39
CA HIS A 686 -12.84 10.69 1.10
C HIS A 686 -13.78 9.51 0.97
N SER A 687 -14.61 9.23 1.97
CA SER A 687 -15.55 8.12 1.91
C SER A 687 -16.46 8.21 3.12
N VAL A 688 -17.47 7.34 3.15
CA VAL A 688 -18.39 7.23 4.27
C VAL A 688 -18.48 5.77 4.68
N THR A 689 -18.60 5.53 5.98
CA THR A 689 -18.72 4.18 6.52
C THR A 689 -19.88 4.13 7.49
N GLY A 690 -20.69 3.07 7.39
CA GLY A 690 -21.86 2.94 8.24
C GLY A 690 -22.15 1.49 8.58
N ARG A 691 -23.08 1.33 9.52
CA ARG A 691 -23.48 0.02 10.02
C ARG A 691 -24.99 0.03 10.25
N PRO A 692 -25.78 -0.62 9.37
CA PRO A 692 -27.23 -0.62 9.52
C PRO A 692 -27.79 -1.61 10.52
N SER A 693 -26.94 -2.28 11.31
CA SER A 693 -27.40 -3.28 12.26
C SER A 693 -26.57 -3.18 13.52
N VAL A 694 -27.14 -3.69 14.62
CA VAL A 694 -26.49 -3.65 15.92
C VAL A 694 -25.24 -4.52 15.89
N ASN A 695 -24.39 -4.36 16.90
CA ASN A 695 -23.13 -5.11 16.95
C ASN A 695 -23.42 -6.61 16.95
N GLY A 696 -22.59 -7.36 16.22
CA GLY A 696 -22.76 -8.79 16.13
C GLY A 696 -22.08 -9.36 14.90
N LEU A 697 -22.76 -10.30 14.22
CA LEU A 697 -22.20 -10.90 13.02
C LEU A 697 -22.21 -9.95 11.83
N ALA A 698 -22.86 -8.81 11.94
CA ALA A 698 -22.93 -7.87 10.82
C ALA A 698 -21.67 -7.02 10.76
N LEU A 699 -21.14 -6.85 9.55
CA LEU A 699 -19.92 -6.09 9.31
C LEU A 699 -20.26 -4.74 8.68
N ALA A 700 -19.23 -3.91 8.54
CA ALA A 700 -19.42 -2.53 8.11
C ALA A 700 -19.68 -2.45 6.60
N GLU A 701 -20.17 -1.29 6.18
CA GLU A 701 -20.38 -1.00 4.76
C GLU A 701 -19.86 0.39 4.44
N TYR A 702 -19.48 0.59 3.19
CA TYR A 702 -18.76 1.79 2.78
C TYR A 702 -19.33 2.36 1.50
N VAL A 703 -19.19 3.67 1.35
CA VAL A 703 -19.64 4.39 0.16
C VAL A 703 -18.52 5.32 -0.29
N ILE A 704 -18.19 5.27 -1.58
CA ILE A 704 -17.25 6.20 -2.20
C ILE A 704 -18.00 6.97 -3.28
N TYR A 705 -17.73 8.27 -3.36
CA TYR A 705 -18.42 9.14 -4.31
C TYR A 705 -17.54 9.51 -5.50
N ARG A 706 -16.44 8.80 -5.72
CA ARG A 706 -15.60 8.98 -6.90
C ARG A 706 -15.22 7.62 -7.43
N GLY A 707 -15.41 7.41 -8.74
CA GLY A 707 -15.22 6.11 -9.33
C GLY A 707 -13.78 5.64 -9.39
N GLU A 708 -12.83 6.57 -9.31
CA GLU A 708 -11.41 6.21 -9.42
C GLU A 708 -10.83 5.71 -8.10
N GLN A 709 -11.61 5.67 -7.02
CA GLN A 709 -11.13 5.19 -5.73
C GLN A 709 -11.36 3.70 -5.53
N ALA A 710 -11.88 3.00 -6.53
CA ALA A 710 -12.07 1.55 -6.44
C ALA A 710 -11.50 0.88 -7.68
N TYR A 711 -11.02 -0.34 -7.52
CA TYR A 711 -10.54 -1.15 -8.63
C TYR A 711 -11.06 -2.57 -8.47
N PRO A 712 -11.62 -3.17 -9.53
CA PRO A 712 -12.15 -4.54 -9.41
C PRO A 712 -11.08 -5.61 -9.58
N GLU A 713 -10.40 -5.95 -8.50
CA GLU A 713 -9.25 -6.86 -8.62
C GLU A 713 -9.67 -8.29 -8.94
N TYR A 714 -10.67 -8.82 -8.25
CA TYR A 714 -11.07 -10.21 -8.40
C TYR A 714 -12.52 -10.30 -8.88
N LEU A 715 -12.75 -11.15 -9.88
CA LEU A 715 -14.09 -11.49 -10.34
C LEU A 715 -14.39 -12.93 -9.93
N ILE A 716 -15.43 -13.12 -9.13
CA ILE A 716 -15.76 -14.41 -8.54
C ILE A 716 -17.05 -14.91 -9.17
N THR A 717 -17.01 -16.11 -9.72
CA THR A 717 -18.18 -16.79 -10.26
C THR A 717 -18.58 -17.89 -9.30
N TYR A 718 -19.87 -17.95 -8.95
CA TYR A 718 -20.29 -18.83 -7.87
C TYR A 718 -21.76 -19.16 -8.00
N GLN A 719 -22.19 -20.14 -7.22
CA GLN A 719 -23.60 -20.46 -7.02
C GLN A 719 -23.90 -20.43 -5.53
N ILE A 720 -25.15 -20.17 -5.19
CA ILE A 720 -25.59 -20.32 -3.81
C ILE A 720 -26.07 -21.75 -3.61
N MET A 721 -25.80 -22.31 -2.43
CA MET A 721 -26.23 -23.66 -2.11
C MET A 721 -27.49 -23.63 -1.25
N ASP B 438 41.30 3.71 8.76
CA ASP B 438 41.85 4.65 7.79
C ASP B 438 42.98 4.00 6.98
N PHE B 439 43.51 2.89 7.48
CA PHE B 439 44.61 2.19 6.83
C PHE B 439 44.14 1.11 5.86
N SER B 440 42.84 0.79 5.83
CA SER B 440 42.35 -0.25 4.94
C SER B 440 42.63 0.11 3.48
N ILE B 441 42.35 1.35 3.10
CA ILE B 441 42.63 1.79 1.73
C ILE B 441 44.11 1.68 1.43
N THR B 442 44.96 2.03 2.39
CA THR B 442 46.40 1.98 2.18
C THR B 442 46.86 0.55 1.92
N GLN B 443 46.41 -0.40 2.73
CA GLN B 443 46.79 -1.80 2.51
C GLN B 443 46.26 -2.30 1.19
N PHE B 444 45.01 -1.97 0.87
CA PHE B 444 44.42 -2.43 -0.38
C PHE B 444 45.21 -1.92 -1.58
N VAL B 445 45.58 -0.64 -1.56
CA VAL B 445 46.30 -0.05 -2.69
C VAL B 445 47.72 -0.58 -2.76
N ARG B 446 48.37 -0.76 -1.60
CA ARG B 446 49.74 -1.29 -1.59
C ARG B 446 49.77 -2.72 -2.11
N ASN B 447 48.76 -3.52 -1.78
CA ASN B 447 48.73 -4.89 -2.24
C ASN B 447 48.69 -4.97 -3.77
N LEU B 448 48.17 -3.94 -4.43
CA LEU B 448 48.10 -3.91 -5.88
C LEU B 448 49.33 -3.27 -6.52
N GLY B 449 50.27 -2.77 -5.73
CA GLY B 449 51.42 -2.10 -6.27
C GLY B 449 51.13 -0.70 -6.79
N LEU B 450 50.06 -0.06 -6.30
CA LEU B 450 49.65 1.26 -6.75
C LEU B 450 49.79 2.29 -5.65
N GLU B 451 50.79 2.15 -4.77
CA GLU B 451 50.96 3.09 -3.67
C GLU B 451 51.27 4.49 -4.17
N HIS B 452 51.83 4.64 -5.37
CA HIS B 452 52.11 5.97 -5.89
C HIS B 452 50.84 6.79 -6.10
N LEU B 453 49.67 6.15 -6.13
CA LEU B 453 48.41 6.86 -6.23
C LEU B 453 47.89 7.37 -4.90
N MET B 454 48.50 6.95 -3.78
CA MET B 454 47.92 7.25 -2.47
C MET B 454 47.72 8.74 -2.27
N ASP B 455 48.67 9.56 -2.75
CA ASP B 455 48.53 11.01 -2.58
C ASP B 455 47.18 11.48 -3.11
N ILE B 456 46.80 11.03 -4.31
CA ILE B 456 45.49 11.40 -4.84
C ILE B 456 44.40 10.97 -3.87
N PHE B 457 44.43 9.70 -3.46
CA PHE B 457 43.42 9.20 -2.54
C PHE B 457 43.44 9.95 -1.22
N GLU B 458 44.58 10.53 -0.84
CA GLU B 458 44.62 11.29 0.40
C GLU B 458 43.94 12.65 0.22
N ARG B 459 44.08 13.26 -0.95
CA ARG B 459 43.50 14.59 -1.15
C ARG B 459 42.01 14.52 -1.40
N GLU B 460 41.53 13.47 -2.06
CA GLU B 460 40.12 13.32 -2.34
C GLU B 460 39.35 12.63 -1.21
N GLN B 461 40.04 12.28 -0.12
CA GLN B 461 39.41 11.62 1.02
C GLN B 461 38.71 10.33 0.61
N ILE B 462 39.37 9.54 -0.22
CA ILE B 462 38.82 8.27 -0.66
C ILE B 462 39.13 7.21 0.39
N THR B 463 38.08 6.60 0.94
CA THR B 463 38.20 5.47 1.85
C THR B 463 37.75 4.20 1.14
N LEU B 464 38.05 3.06 1.74
CA LEU B 464 37.75 1.79 1.09
C LEU B 464 36.25 1.66 0.79
N ASP B 465 35.41 2.13 1.71
CA ASP B 465 33.97 2.09 1.48
C ASP B 465 33.57 2.96 0.30
N VAL B 466 34.22 4.12 0.15
CA VAL B 466 33.97 4.94 -1.03
C VAL B 466 34.55 4.29 -2.28
N LEU B 467 35.74 3.71 -2.17
CA LEU B 467 36.41 3.16 -3.34
C LEU B 467 35.63 1.99 -3.94
N VAL B 468 35.04 1.14 -3.10
CA VAL B 468 34.34 -0.03 -3.61
C VAL B 468 33.13 0.34 -4.45
N GLU B 469 32.74 1.62 -4.48
CA GLU B 469 31.58 2.08 -5.23
C GLU B 469 31.96 2.91 -6.46
N MET B 470 33.22 2.93 -6.85
CA MET B 470 33.70 3.77 -7.94
C MET B 470 34.04 2.91 -9.15
N GLY B 471 33.56 3.31 -10.32
CA GLY B 471 33.89 2.68 -11.57
C GLY B 471 34.91 3.45 -12.36
N HIS B 472 34.98 3.15 -13.66
CA HIS B 472 35.94 3.83 -14.52
C HIS B 472 35.68 5.34 -14.58
N LYS B 473 34.41 5.73 -14.68
CA LYS B 473 34.07 7.14 -14.80
C LYS B 473 34.49 7.91 -13.56
N GLU B 474 34.11 7.41 -12.38
CA GLU B 474 34.44 8.11 -11.14
C GLU B 474 35.95 8.18 -10.93
N LEU B 475 36.67 7.09 -11.19
CA LEU B 475 38.12 7.10 -11.04
C LEU B 475 38.76 8.08 -12.00
N LYS B 476 38.21 8.18 -13.22
CA LYS B 476 38.70 9.17 -14.17
C LYS B 476 38.47 10.58 -13.64
N GLU B 477 37.34 10.81 -12.97
CA GLU B 477 37.04 12.15 -12.47
C GLU B 477 38.09 12.63 -11.46
N ILE B 478 38.55 11.74 -10.57
CA ILE B 478 39.48 12.15 -9.52
C ILE B 478 40.92 12.20 -9.99
N GLY B 479 41.21 11.73 -11.20
CA GLY B 479 42.53 11.84 -11.78
C GLY B 479 43.30 10.55 -12.00
N ILE B 480 42.64 9.40 -11.99
CA ILE B 480 43.29 8.13 -12.33
C ILE B 480 43.15 8.00 -13.85
N ASN B 481 44.10 8.61 -14.57
CA ASN B 481 43.98 8.71 -16.02
C ASN B 481 44.32 7.40 -16.72
N ALA B 482 45.31 6.66 -16.23
CA ALA B 482 45.74 5.44 -16.91
C ALA B 482 44.69 4.36 -16.79
N TYR B 483 44.38 3.72 -17.92
CA TYR B 483 43.39 2.65 -17.92
C TYR B 483 43.84 1.48 -17.07
N GLY B 484 45.13 1.14 -17.11
CA GLY B 484 45.61 -0.02 -16.38
C GLY B 484 45.42 0.11 -14.88
N HIS B 485 45.65 1.31 -14.34
CA HIS B 485 45.46 1.52 -12.90
C HIS B 485 43.99 1.34 -12.51
N ARG B 486 43.09 1.92 -13.29
CA ARG B 486 41.66 1.77 -13.02
C ARG B 486 41.24 0.32 -13.11
N HIS B 487 41.75 -0.39 -14.12
CA HIS B 487 41.45 -1.81 -14.27
C HIS B 487 41.90 -2.61 -13.05
N LYS B 488 43.12 -2.34 -12.59
CA LYS B 488 43.63 -3.04 -11.41
C LYS B 488 42.77 -2.74 -10.18
N LEU B 489 42.41 -1.48 -9.98
CA LEU B 489 41.60 -1.12 -8.82
C LEU B 489 40.24 -1.80 -8.86
N ILE B 490 39.59 -1.80 -10.03
CA ILE B 490 38.26 -2.38 -10.14
C ILE B 490 38.32 -3.89 -9.95
N LYS B 491 39.36 -4.54 -10.48
CA LYS B 491 39.48 -5.98 -10.26
C LYS B 491 39.77 -6.30 -8.80
N GLY B 492 40.58 -5.48 -8.13
CA GLY B 492 40.80 -5.68 -6.71
C GLY B 492 39.51 -5.55 -5.91
N VAL B 493 38.71 -4.54 -6.22
CA VAL B 493 37.43 -4.39 -5.53
C VAL B 493 36.53 -5.58 -5.79
N GLU B 494 36.49 -6.06 -7.03
CA GLU B 494 35.68 -7.23 -7.35
C GLU B 494 36.15 -8.45 -6.56
N ARG B 495 37.46 -8.65 -6.48
CA ARG B 495 37.99 -9.80 -5.73
C ARG B 495 37.67 -9.69 -4.24
N LEU B 496 37.64 -8.47 -3.70
CA LEU B 496 37.31 -8.31 -2.29
C LEU B 496 35.82 -8.52 -2.04
N ILE B 497 34.97 -7.90 -2.86
CA ILE B 497 33.52 -7.86 -2.57
C ILE B 497 32.87 -9.19 -2.93
N SER B 498 33.05 -9.65 -4.17
CA SER B 498 32.42 -10.88 -4.62
C SER B 498 33.28 -12.10 -4.32
N GLY B 499 34.60 -11.96 -4.41
CA GLY B 499 35.48 -13.11 -4.19
C GLY B 499 35.40 -13.66 -2.79
N GLN B 500 35.18 -12.79 -1.80
CA GLN B 500 35.08 -13.18 -0.40
C GLN B 500 33.69 -12.83 0.14
N GLN B 501 32.65 -13.12 -0.64
CA GLN B 501 31.30 -12.76 -0.23
C GLN B 501 30.92 -13.41 1.09
N GLY B 502 31.41 -14.62 1.36
CA GLY B 502 31.09 -15.29 2.61
C GLY B 502 31.56 -14.57 3.85
N LEU B 503 32.61 -13.75 3.73
CA LEU B 503 33.06 -12.91 4.83
C LEU B 503 32.25 -11.62 4.95
N ASN B 504 31.48 -11.27 3.93
CA ASN B 504 30.64 -10.08 3.94
C ASN B 504 31.44 -8.82 4.26
N PRO B 505 32.54 -8.55 3.54
CA PRO B 505 33.24 -7.28 3.74
C PRO B 505 32.39 -6.06 3.40
N TYR B 506 31.45 -6.21 2.46
CA TYR B 506 30.61 -5.08 2.08
C TYR B 506 29.78 -4.59 3.25
N LEU B 507 29.24 -5.52 4.05
CA LEU B 507 28.49 -5.12 5.23
C LEU B 507 29.38 -4.38 6.22
N THR B 508 30.62 -4.84 6.39
CA THR B 508 31.54 -4.16 7.29
C THR B 508 31.83 -2.75 6.82
N LEU B 509 31.99 -2.58 5.50
CA LEU B 509 32.34 -1.27 4.96
C LEU B 509 31.17 -0.31 4.90
N ASN B 510 29.95 -0.81 4.67
CA ASN B 510 28.79 0.03 4.42
C ASN B 510 27.98 0.32 5.67
N THR B 511 28.61 0.29 6.85
CA THR B 511 27.86 0.58 8.07
C THR B 511 27.58 2.07 8.22
N SER B 512 28.43 2.92 7.66
CA SER B 512 28.24 4.36 7.78
C SER B 512 26.98 4.80 7.06
N GLY B 513 26.29 5.78 7.64
CA GLY B 513 25.05 6.28 7.11
C GLY B 513 23.81 5.62 7.67
N SER B 514 23.95 4.42 8.25
CA SER B 514 22.83 3.78 8.91
C SER B 514 22.46 4.54 10.18
N GLY B 515 21.21 4.36 10.60
CA GLY B 515 20.68 5.05 11.75
C GLY B 515 19.40 5.80 11.42
N THR B 516 18.82 6.37 12.46
CA THR B 516 17.55 7.06 12.38
C THR B 516 17.75 8.56 12.33
N ILE B 517 16.96 9.23 11.50
CA ILE B 517 16.89 10.69 11.51
C ILE B 517 15.43 11.10 11.62
N LEU B 518 15.20 12.18 12.36
CA LEU B 518 13.86 12.74 12.55
C LEU B 518 13.72 14.00 11.71
N ILE B 519 12.70 14.03 10.86
CA ILE B 519 12.41 15.19 10.01
C ILE B 519 11.19 15.89 10.58
N ASP B 520 11.37 17.15 10.98
CA ASP B 520 10.29 17.89 11.63
C ASP B 520 9.27 18.34 10.59
N LEU B 521 7.98 18.15 10.91
CA LEU B 521 6.90 18.62 10.06
C LEU B 521 6.51 20.04 10.48
N SER B 522 6.32 20.90 9.49
CA SER B 522 5.92 22.26 9.78
C SER B 522 4.45 22.30 10.18
N PRO B 523 4.08 23.10 11.19
CA PRO B 523 2.65 23.21 11.54
C PRO B 523 1.78 23.69 10.39
N ASP B 524 2.35 24.47 9.46
CA ASP B 524 1.59 24.97 8.33
C ASP B 524 1.29 23.88 7.30
N ASP B 525 2.09 22.82 7.25
CA ASP B 525 1.86 21.75 6.31
C ASP B 525 0.57 20.99 6.66
N LYS B 526 -0.06 20.43 5.64
CA LYS B 526 -1.31 19.70 5.85
C LYS B 526 -1.08 18.29 6.39
N GLU B 527 0.13 17.75 6.27
CA GLU B 527 0.44 16.48 6.91
C GLU B 527 0.42 16.62 8.44
N PHE B 528 1.05 17.68 8.94
CA PHE B 528 1.01 17.98 10.36
C PHE B 528 -0.44 18.17 10.83
N GLN B 529 -1.23 18.90 10.04
CA GLN B 529 -2.62 19.13 10.41
C GLN B 529 -3.42 17.83 10.43
N SER B 530 -3.17 16.94 9.47
CA SER B 530 -3.87 15.66 9.44
C SER B 530 -3.52 14.83 10.67
N VAL B 531 -2.23 14.77 11.01
CA VAL B 531 -1.82 13.98 12.16
C VAL B 531 -2.41 14.56 13.45
N GLU B 532 -2.38 15.88 13.59
CA GLU B 532 -2.93 16.50 14.80
C GLU B 532 -4.43 16.30 14.87
N GLU B 533 -5.14 16.39 13.74
CA GLU B 533 -6.57 16.15 13.74
C GLU B 533 -6.88 14.72 14.17
N GLU B 534 -6.11 13.75 13.67
CA GLU B 534 -6.32 12.37 14.10
C GLU B 534 -6.05 12.23 15.60
N MET B 535 -5.01 12.88 16.11
CA MET B 535 -4.72 12.82 17.54
C MET B 535 -5.88 13.39 18.36
N GLN B 536 -6.40 14.54 17.94
CA GLN B 536 -7.37 15.27 18.75
C GLN B 536 -8.76 14.64 18.67
N SER B 537 -9.14 14.12 17.50
CA SER B 537 -10.50 13.66 17.29
C SER B 537 -10.79 12.32 17.94
N THR B 538 -9.77 11.59 18.38
CA THR B 538 -9.95 10.26 18.96
C THR B 538 -9.80 10.23 20.47
N VAL B 539 -9.84 11.39 21.13
CA VAL B 539 -9.88 11.44 22.58
C VAL B 539 -11.28 11.06 23.05
N ARG B 540 -11.35 10.38 24.19
CA ARG B 540 -12.64 9.94 24.72
C ARG B 540 -12.48 9.64 26.20
N GLU B 541 -13.62 9.50 26.87
CA GLU B 541 -13.63 9.10 28.27
C GLU B 541 -13.23 7.64 28.44
N HIS B 542 -12.75 7.31 29.63
CA HIS B 542 -12.25 5.97 29.91
C HIS B 542 -12.93 5.43 31.17
N ARG B 543 -12.94 4.09 31.27
CA ARG B 543 -13.62 3.45 32.39
C ARG B 543 -13.17 4.02 33.73
N ASP B 544 -11.87 4.20 33.90
CA ASP B 544 -11.35 4.93 35.05
C ASP B 544 -11.48 6.42 34.82
N GLY B 545 -11.63 7.17 35.91
CA GLY B 545 -11.78 8.61 35.82
C GLY B 545 -10.48 9.31 35.52
N GLY B 546 -9.84 8.95 34.42
CA GLY B 546 -8.56 9.55 34.07
C GLY B 546 -7.44 9.19 34.99
N HIS B 547 -7.54 8.05 35.69
CA HIS B 547 -6.50 7.68 36.64
C HIS B 547 -5.18 7.36 35.93
N ALA B 548 -5.24 6.54 34.89
CA ALA B 548 -4.01 6.12 34.23
C ALA B 548 -3.37 7.24 33.43
N GLY B 549 -4.18 7.97 32.64
CA GLY B 549 -3.64 8.94 31.71
C GLY B 549 -3.84 10.39 32.11
N GLY B 550 -4.73 10.64 33.06
CA GLY B 550 -5.03 11.99 33.49
C GLY B 550 -6.37 12.47 32.96
N ILE B 551 -6.75 13.67 33.41
CA ILE B 551 -8.02 14.28 33.06
C ILE B 551 -7.77 15.37 32.04
N PHE B 552 -8.33 15.23 30.85
CA PHE B 552 -8.14 16.20 29.79
C PHE B 552 -9.18 15.97 28.71
N ASN B 553 -9.39 17.02 27.91
CA ASN B 553 -10.28 16.95 26.75
C ASN B 553 -9.55 16.96 25.42
N ARG B 554 -8.36 17.56 25.37
CA ARG B 554 -7.61 17.64 24.12
C ARG B 554 -6.14 17.85 24.47
N TYR B 555 -5.29 17.73 23.45
CA TYR B 555 -3.85 17.85 23.61
C TYR B 555 -3.35 19.21 23.16
N ASN B 556 -2.12 19.50 23.55
CA ASN B 556 -1.35 20.62 23.03
C ASN B 556 -0.14 20.02 22.34
N ILE B 557 -0.14 20.06 21.00
CA ILE B 557 0.90 19.42 20.20
C ILE B 557 2.06 20.38 20.06
N LEU B 558 3.25 19.94 20.48
CA LEU B 558 4.44 20.78 20.40
C LEU B 558 5.19 20.57 19.09
N LYS B 559 5.38 19.32 18.68
CA LYS B 559 5.97 19.05 17.37
C LYS B 559 5.63 17.63 16.95
N ILE B 560 5.78 17.38 15.65
CA ILE B 560 5.59 16.07 15.06
C ILE B 560 6.76 15.80 14.13
N GLN B 561 7.31 14.59 14.19
CA GLN B 561 8.50 14.25 13.44
C GLN B 561 8.29 12.94 12.70
N LYS B 562 8.81 12.89 11.48
CA LYS B 562 8.85 11.68 10.67
C LYS B 562 10.13 10.93 10.98
N VAL B 563 10.00 9.64 11.28
CA VAL B 563 11.14 8.79 11.63
C VAL B 563 11.62 8.09 10.38
N CYS B 564 12.90 8.23 10.06
CA CYS B 564 13.47 7.67 8.84
C CYS B 564 14.65 6.77 9.19
N ASN B 565 14.51 5.49 8.89
CA ASN B 565 15.55 4.50 9.14
C ASN B 565 15.42 3.44 8.04
N LYS B 566 16.43 3.37 7.16
CA LYS B 566 16.29 2.55 5.96
C LYS B 566 16.18 1.06 6.31
N LYS B 567 17.00 0.58 7.25
CA LYS B 567 17.00 -0.84 7.56
C LYS B 567 15.67 -1.30 8.15
N LEU B 568 15.14 -0.53 9.10
CA LEU B 568 13.87 -0.87 9.70
C LEU B 568 12.74 -0.80 8.68
N TRP B 569 12.78 0.21 7.80
CA TRP B 569 11.78 0.31 6.75
C TRP B 569 11.82 -0.89 5.82
N GLU B 570 13.03 -1.33 5.46
CA GLU B 570 13.15 -2.49 4.59
C GLU B 570 12.64 -3.75 5.27
N ARG B 571 12.94 -3.92 6.56
CA ARG B 571 12.40 -5.05 7.30
C ARG B 571 10.87 -5.04 7.27
N TYR B 572 10.28 -3.86 7.54
CA TYR B 572 8.83 -3.74 7.56
C TYR B 572 8.23 -4.04 6.20
N THR B 573 8.84 -3.53 5.13
CA THR B 573 8.27 -3.73 3.80
C THR B 573 8.41 -5.18 3.34
N HIS B 574 9.50 -5.86 3.70
CA HIS B 574 9.63 -7.28 3.39
C HIS B 574 8.54 -8.08 4.09
N ARG B 575 8.29 -7.79 5.38
CA ARG B 575 7.23 -8.51 6.08
C ARG B 575 5.87 -8.19 5.48
N ARG B 576 5.66 -6.93 5.07
CA ARG B 576 4.38 -6.54 4.48
C ARG B 576 4.15 -7.29 3.18
N LYS B 577 5.18 -7.43 2.36
CA LYS B 577 5.07 -8.25 1.14
C LYS B 577 4.69 -9.68 1.49
N GLU B 578 5.36 -10.25 2.50
CA GLU B 578 5.06 -11.63 2.89
C GLU B 578 3.58 -11.77 3.26
N VAL B 579 3.08 -10.84 4.07
CA VAL B 579 1.69 -10.93 4.53
C VAL B 579 0.73 -10.73 3.36
N SER B 580 1.06 -9.81 2.44
CA SER B 580 0.20 -9.59 1.28
C SER B 580 0.09 -10.84 0.43
N GLU B 581 1.20 -11.53 0.21
CA GLU B 581 1.15 -12.75 -0.60
C GLU B 581 0.31 -13.84 0.04
N GLU B 582 0.07 -13.78 1.34
CA GLU B 582 -0.73 -14.76 2.06
C GLU B 582 -2.16 -14.31 2.32
N ASN B 583 -2.53 -13.11 1.90
CA ASN B 583 -3.84 -12.54 2.20
C ASN B 583 -4.44 -11.91 0.95
N HIS B 584 -4.45 -12.67 -0.15
CA HIS B 584 -5.01 -12.25 -1.43
C HIS B 584 -4.57 -10.83 -1.79
N ASN B 585 -3.26 -10.61 -1.76
CA ASN B 585 -2.65 -9.36 -2.23
C ASN B 585 -3.10 -8.15 -1.41
N HIS B 586 -3.46 -8.36 -0.15
CA HIS B 586 -3.92 -7.29 0.73
C HIS B 586 -3.14 -7.35 2.03
N ALA B 587 -2.48 -6.24 2.37
CA ALA B 587 -1.74 -6.16 3.62
C ALA B 587 -2.62 -5.78 4.81
N ASN B 588 -3.79 -5.19 4.56
CA ASN B 588 -4.67 -4.71 5.62
C ASN B 588 -3.92 -3.77 6.56
N GLU B 589 -3.23 -2.81 5.96
CA GLU B 589 -2.35 -1.90 6.69
C GLU B 589 -3.14 -0.72 7.25
N ARG B 590 -2.94 -0.42 8.52
CA ARG B 590 -3.61 0.68 9.21
C ARG B 590 -2.58 1.60 9.84
N MET B 591 -3.07 2.69 10.41
CA MET B 591 -2.25 3.66 11.13
C MET B 591 -2.81 3.77 12.54
N LEU B 592 -2.02 3.39 13.54
CA LEU B 592 -2.51 3.22 14.89
C LEU B 592 -1.56 3.87 15.89
N PHE B 593 -2.09 4.25 17.04
CA PHE B 593 -1.31 4.89 18.08
C PHE B 593 -0.65 3.84 18.98
N HIS B 594 0.54 4.18 19.47
CA HIS B 594 1.28 3.35 20.41
C HIS B 594 1.91 4.23 21.47
N GLY B 595 1.70 3.86 22.73
CA GLY B 595 2.31 4.55 23.85
C GLY B 595 3.21 3.60 24.61
N SER B 596 4.40 4.08 24.97
CA SER B 596 5.39 3.26 25.65
C SER B 596 6.40 4.16 26.32
N PRO B 597 6.93 3.78 27.48
CA PRO B 597 8.05 4.53 28.06
C PRO B 597 9.39 4.27 27.39
N PHE B 598 9.42 3.45 26.33
CA PHE B 598 10.65 3.14 25.60
C PHE B 598 10.52 3.56 24.14
N VAL B 599 10.01 4.77 23.90
CA VAL B 599 9.82 5.23 22.53
C VAL B 599 11.17 5.38 21.82
N ASN B 600 12.19 5.85 22.54
CA ASN B 600 13.51 6.04 21.92
C ASN B 600 14.08 4.72 21.43
N ALA B 601 13.98 3.67 22.25
CA ALA B 601 14.45 2.36 21.83
C ALA B 601 13.70 1.88 20.60
N ILE B 602 12.39 2.16 20.52
CA ILE B 602 11.62 1.70 19.38
C ILE B 602 12.05 2.44 18.11
N ILE B 603 12.20 3.77 18.20
CA ILE B 603 12.53 4.53 17.00
C ILE B 603 13.94 4.22 16.51
N HIS B 604 14.86 3.90 17.43
CA HIS B 604 16.22 3.60 17.00
C HIS B 604 16.45 2.14 16.66
N LYS B 605 15.64 1.23 17.21
CA LYS B 605 15.81 -0.20 16.99
C LYS B 605 14.62 -0.87 16.32
N GLY B 606 13.45 -0.25 16.34
CA GLY B 606 12.25 -0.83 15.77
C GLY B 606 11.41 -1.55 16.82
N PHE B 607 10.25 -2.02 16.36
CA PHE B 607 9.38 -2.80 17.22
C PHE B 607 9.93 -4.22 17.35
N ASP B 608 9.80 -4.78 18.55
CA ASP B 608 10.41 -6.06 18.89
C ASP B 608 9.44 -6.85 19.75
N GLU B 609 9.06 -8.03 19.28
CA GLU B 609 8.17 -8.88 20.09
C GLU B 609 8.89 -9.46 21.29
N ARG B 610 10.23 -9.42 21.32
CA ARG B 610 10.98 -9.82 22.50
C ARG B 610 10.80 -8.84 23.65
N HIS B 611 10.26 -7.65 23.39
CA HIS B 611 9.85 -6.70 24.42
C HIS B 611 8.34 -6.53 24.42
N ALA B 612 7.61 -7.62 24.28
CA ALA B 612 6.16 -7.57 24.22
C ALA B 612 5.57 -7.29 25.59
N TYR B 613 4.30 -6.87 25.59
CA TYR B 613 3.54 -6.65 26.81
C TYR B 613 3.04 -8.01 27.29
N ILE B 614 3.82 -8.63 28.18
CA ILE B 614 3.57 -10.02 28.56
C ILE B 614 2.23 -10.15 29.29
N GLY B 615 1.88 -9.14 30.09
CA GLY B 615 0.67 -9.18 30.88
C GLY B 615 -0.59 -8.72 30.17
N GLY B 616 -0.51 -8.43 28.88
CA GLY B 616 -1.69 -7.93 28.18
C GLY B 616 -2.80 -8.96 28.12
N MET B 617 -4.03 -8.46 28.02
CA MET B 617 -5.20 -9.33 28.07
C MET B 617 -5.27 -10.30 26.91
N PHE B 618 -4.57 -10.02 25.81
CA PHE B 618 -4.52 -10.91 24.66
C PHE B 618 -3.21 -11.68 24.57
N GLY B 619 -2.39 -11.66 25.61
CA GLY B 619 -1.14 -12.38 25.62
C GLY B 619 0.07 -11.49 25.40
N ALA B 620 1.19 -12.14 25.15
CA ALA B 620 2.48 -11.46 24.98
C ALA B 620 2.59 -10.96 23.55
N GLY B 621 2.16 -9.70 23.35
CA GLY B 621 2.22 -9.08 22.04
C GLY B 621 2.41 -7.59 22.16
N ILE B 622 2.46 -6.95 20.98
CA ILE B 622 2.60 -5.50 20.87
C ILE B 622 1.22 -4.93 20.56
N TYR B 623 0.81 -3.94 21.34
CA TYR B 623 -0.56 -3.44 21.36
C TYR B 623 -0.65 -2.06 20.74
N PHE B 624 -1.69 -1.84 19.93
CA PHE B 624 -1.96 -0.56 19.29
C PHE B 624 -3.43 -0.22 19.48
N ALA B 625 -3.73 1.07 19.46
CA ALA B 625 -5.09 1.55 19.67
C ALA B 625 -5.46 2.58 18.62
N GLU B 626 -6.75 2.55 18.23
CA GLU B 626 -7.26 3.59 17.35
C GLU B 626 -7.51 4.89 18.12
N ASN B 627 -7.84 4.79 19.40
CA ASN B 627 -7.99 5.96 20.25
C ASN B 627 -6.63 6.43 20.74
N SER B 628 -6.32 7.70 20.51
CA SER B 628 -5.07 8.25 21.01
C SER B 628 -5.05 8.28 22.53
N SER B 629 -6.18 8.60 23.16
CA SER B 629 -6.23 8.65 24.61
C SER B 629 -6.00 7.28 25.24
N LYS B 630 -6.37 6.20 24.53
CA LYS B 630 -6.10 4.86 25.05
C LYS B 630 -4.60 4.60 25.12
N SER B 631 -3.86 4.96 24.07
CA SER B 631 -2.42 4.79 24.11
C SER B 631 -1.75 5.76 25.08
N ASN B 632 -2.36 6.93 25.29
CA ASN B 632 -1.80 7.90 26.22
C ASN B 632 -1.68 7.35 27.64
N GLN B 633 -2.48 6.32 27.98
CA GLN B 633 -2.42 5.72 29.30
C GLN B 633 -1.16 4.90 29.54
N TYR B 634 -0.37 4.63 28.50
CA TYR B 634 0.80 3.77 28.63
C TYR B 634 2.11 4.52 28.41
N VAL B 635 2.07 5.83 28.22
CA VAL B 635 3.30 6.58 27.96
C VAL B 635 4.25 6.53 29.15
N TYR B 636 3.73 6.37 30.36
CA TYR B 636 4.56 6.30 31.56
C TYR B 636 4.61 4.90 32.15
N GLY B 637 4.10 3.90 31.45
CA GLY B 637 4.11 2.52 31.90
C GLY B 637 2.72 1.95 32.02
N ILE B 638 2.67 0.69 32.45
CA ILE B 638 1.40 0.01 32.60
C ILE B 638 0.57 0.72 33.66
N GLY B 639 -0.69 1.00 33.34
CA GLY B 639 -1.55 1.71 34.27
C GLY B 639 -1.08 3.12 34.58
N GLY B 640 -0.25 3.70 33.73
CA GLY B 640 0.31 5.01 33.97
C GLY B 640 1.56 5.02 34.81
N GLY B 641 2.00 3.88 35.31
CA GLY B 641 3.20 3.85 36.15
C GLY B 641 3.03 4.74 37.36
N THR B 642 4.08 5.49 37.66
CA THR B 642 4.06 6.48 38.74
C THR B 642 3.84 7.90 38.26
N GLY B 643 3.63 8.09 36.96
CA GLY B 643 3.44 9.40 36.39
C GLY B 643 4.68 9.97 35.76
N CYS B 644 4.71 11.28 35.65
CA CYS B 644 5.85 11.95 35.03
C CYS B 644 7.10 11.75 35.88
N PRO B 645 8.28 11.67 35.24
CA PRO B 645 9.50 11.43 36.02
C PRO B 645 9.82 12.54 36.99
N VAL B 646 9.31 13.75 36.78
CA VAL B 646 9.67 14.90 37.61
C VAL B 646 8.75 14.98 38.82
N HIS B 647 7.46 15.18 38.59
CA HIS B 647 6.50 15.34 39.66
C HIS B 647 5.84 14.03 40.09
N LYS B 648 6.12 12.93 39.40
CA LYS B 648 5.49 11.65 39.70
C LYS B 648 3.97 11.77 39.69
N ASP B 649 3.46 12.54 38.72
CA ASP B 649 2.03 12.81 38.60
C ASP B 649 1.53 12.24 37.28
N ARG B 650 0.51 11.39 37.35
CA ARG B 650 -0.03 10.79 36.14
C ARG B 650 -0.88 11.76 35.34
N SER B 651 -1.37 12.83 35.96
CA SER B 651 -2.17 13.85 35.30
C SER B 651 -1.38 15.15 35.10
N CYS B 652 -0.05 15.05 35.02
CA CYS B 652 0.77 16.23 34.88
C CYS B 652 0.42 16.98 33.61
N TYR B 653 0.25 18.30 33.74
CA TYR B 653 -0.04 19.18 32.61
C TYR B 653 1.19 19.94 32.15
N ILE B 654 2.38 19.60 32.67
CA ILE B 654 3.60 20.34 32.41
C ILE B 654 4.59 19.52 31.58
N CYS B 655 4.87 18.29 32.00
CA CYS B 655 5.89 17.49 31.35
C CYS B 655 5.44 17.05 29.96
N HIS B 656 6.39 17.06 29.02
CA HIS B 656 6.08 16.65 27.65
C HIS B 656 6.04 15.13 27.56
N ARG B 657 5.00 14.62 26.91
CA ARG B 657 4.86 13.21 26.63
C ARG B 657 5.05 12.96 25.13
N GLN B 658 5.35 11.72 24.79
CA GLN B 658 5.59 11.33 23.41
C GLN B 658 4.75 10.11 23.07
N LEU B 659 4.14 10.14 21.89
CA LEU B 659 3.36 9.04 21.34
C LEU B 659 3.89 8.69 19.97
N LEU B 660 3.60 7.46 19.53
CA LEU B 660 3.96 7.02 18.19
C LEU B 660 2.70 6.80 17.38
N PHE B 661 2.70 7.28 16.14
CA PHE B 661 1.64 7.00 15.18
C PHE B 661 2.28 6.13 14.10
N CYS B 662 1.90 4.86 14.07
CA CYS B 662 2.68 3.82 13.43
C CYS B 662 1.89 3.11 12.35
N ARG B 663 2.61 2.69 11.31
CA ARG B 663 2.08 1.86 10.24
C ARG B 663 2.08 0.41 10.70
N VAL B 664 0.89 -0.21 10.74
CA VAL B 664 0.72 -1.55 11.29
C VAL B 664 0.12 -2.45 10.21
N THR B 665 0.79 -3.55 9.92
CA THR B 665 0.28 -4.55 8.99
C THR B 665 -0.54 -5.58 9.76
N LEU B 666 -1.82 -5.70 9.41
CA LEU B 666 -2.72 -6.61 10.12
C LEU B 666 -2.96 -7.91 9.38
N GLY B 667 -2.92 -7.89 8.04
CA GLY B 667 -3.21 -9.11 7.30
C GLY B 667 -4.59 -9.63 7.63
N LYS B 668 -4.71 -10.96 7.67
CA LYS B 668 -5.94 -11.60 8.14
C LYS B 668 -5.96 -11.52 9.66
N SER B 669 -6.90 -10.75 10.20
CA SER B 669 -6.95 -10.45 11.62
C SER B 669 -8.05 -11.26 12.28
N PHE B 670 -7.73 -11.87 13.41
CA PHE B 670 -8.69 -12.65 14.17
C PHE B 670 -9.47 -11.76 15.13
N LEU B 671 -10.79 -11.82 15.08
CA LEU B 671 -11.65 -10.99 15.92
C LEU B 671 -11.87 -11.70 17.25
N GLN B 672 -11.31 -11.13 18.31
CA GLN B 672 -11.37 -11.70 19.64
C GLN B 672 -12.38 -10.92 20.48
N PHE B 673 -13.25 -11.66 21.19
CA PHE B 673 -14.32 -11.04 21.97
C PHE B 673 -14.08 -11.07 23.47
N SER B 674 -13.32 -12.03 23.96
CA SER B 674 -13.02 -12.15 25.38
C SER B 674 -11.52 -12.10 25.61
N ALA B 675 -11.12 -12.12 26.87
CA ALA B 675 -9.70 -12.08 27.23
C ALA B 675 -9.11 -13.47 27.10
N MET B 676 -8.13 -13.61 26.21
CA MET B 676 -7.49 -14.90 25.94
C MET B 676 -6.01 -14.68 25.74
N LYS B 677 -5.19 -15.32 26.57
CA LYS B 677 -3.74 -15.14 26.52
C LYS B 677 -3.15 -16.11 25.51
N MET B 678 -2.42 -15.58 24.53
CA MET B 678 -1.75 -16.40 23.53
C MET B 678 -0.34 -15.85 23.31
N ALA B 679 0.55 -16.72 22.84
CA ALA B 679 1.91 -16.33 22.56
C ALA B 679 2.11 -15.82 21.15
N HIS B 680 1.33 -16.31 20.19
CA HIS B 680 1.47 -15.96 18.79
C HIS B 680 0.09 -15.72 18.20
N SER B 681 0.04 -15.49 16.90
CA SER B 681 -1.23 -15.32 16.22
C SER B 681 -1.95 -16.66 16.14
N PRO B 682 -3.29 -16.65 16.07
CA PRO B 682 -4.01 -17.89 15.79
C PRO B 682 -3.62 -18.42 14.42
N PRO B 683 -3.68 -19.74 14.24
CA PRO B 683 -3.29 -20.30 12.94
C PRO B 683 -4.06 -19.66 11.79
N GLY B 684 -3.34 -19.33 10.73
CA GLY B 684 -3.93 -18.73 9.56
C GLY B 684 -4.19 -17.24 9.65
N HIS B 685 -3.76 -16.59 10.72
CA HIS B 685 -3.99 -15.17 10.93
C HIS B 685 -2.67 -14.47 11.18
N HIS B 686 -2.70 -13.14 11.13
CA HIS B 686 -1.51 -12.32 11.29
C HIS B 686 -1.61 -11.29 12.40
N SER B 687 -2.76 -11.20 13.08
CA SER B 687 -2.94 -10.24 14.16
C SER B 687 -4.27 -10.54 14.83
N VAL B 688 -4.53 -9.84 15.93
CA VAL B 688 -5.77 -9.99 16.67
C VAL B 688 -6.38 -8.61 16.87
N THR B 689 -7.70 -8.53 16.77
CA THR B 689 -8.43 -7.28 16.99
C THR B 689 -9.51 -7.50 18.03
N GLY B 690 -9.67 -6.51 18.91
CA GLY B 690 -10.72 -6.58 19.91
C GLY B 690 -10.89 -5.25 20.59
N ARG B 691 -11.88 -5.17 21.48
CA ARG B 691 -12.13 -3.97 22.25
C ARG B 691 -12.83 -4.32 23.55
N PRO B 692 -12.36 -3.82 24.70
CA PRO B 692 -12.98 -4.20 25.98
C PRO B 692 -14.30 -3.50 26.27
N SER B 693 -14.62 -2.42 25.56
CA SER B 693 -15.78 -1.60 25.86
C SER B 693 -16.81 -1.75 24.74
N VAL B 694 -18.06 -2.03 25.12
CA VAL B 694 -19.14 -2.13 24.14
C VAL B 694 -19.65 -0.76 23.71
N ASN B 695 -19.27 0.30 24.41
CA ASN B 695 -19.73 1.63 24.05
C ASN B 695 -19.30 1.98 22.63
N GLY B 696 -20.19 2.67 21.91
CA GLY B 696 -19.88 3.04 20.53
C GLY B 696 -18.74 4.02 20.42
N LEU B 697 -18.52 4.83 21.46
CA LEU B 697 -17.45 5.82 21.41
C LEU B 697 -16.08 5.16 21.34
N ALA B 698 -15.92 3.99 21.96
CA ALA B 698 -14.63 3.32 21.98
C ALA B 698 -14.31 2.75 20.61
N LEU B 699 -13.09 2.97 20.14
CA LEU B 699 -12.63 2.42 18.88
C LEU B 699 -11.94 1.08 19.13
N ALA B 700 -11.47 0.46 18.05
CA ALA B 700 -10.87 -0.87 18.13
C ALA B 700 -9.43 -0.80 18.62
N GLU B 701 -8.95 -1.93 19.15
CA GLU B 701 -7.56 -2.11 19.51
C GLU B 701 -7.03 -3.38 18.86
N TYR B 702 -5.72 -3.41 18.62
CA TYR B 702 -5.10 -4.47 17.85
C TYR B 702 -3.83 -4.96 18.55
N VAL B 703 -3.48 -6.21 18.29
CA VAL B 703 -2.30 -6.84 18.83
C VAL B 703 -1.59 -7.58 17.71
N ILE B 704 -0.28 -7.36 17.59
CA ILE B 704 0.57 -8.12 16.69
C ILE B 704 1.59 -8.88 17.52
N TYR B 705 2.02 -10.03 17.01
CA TYR B 705 2.96 -10.89 17.72
C TYR B 705 4.29 -11.02 16.98
N ARG B 706 4.55 -10.12 16.05
CA ARG B 706 5.81 -10.08 15.31
C ARG B 706 6.20 -8.62 15.14
N GLY B 707 7.35 -8.24 15.68
CA GLY B 707 7.75 -6.84 15.68
C GLY B 707 7.93 -6.24 14.30
N GLU B 708 8.22 -7.07 13.29
CA GLU B 708 8.48 -6.56 11.95
C GLU B 708 7.21 -6.08 11.24
N GLN B 709 6.03 -6.30 11.84
CA GLN B 709 4.77 -5.89 11.23
C GLN B 709 4.35 -4.47 11.63
N ALA B 710 5.20 -3.73 12.33
CA ALA B 710 4.93 -2.34 12.67
C ALA B 710 6.12 -1.47 12.33
N TYR B 711 5.85 -0.19 12.03
CA TYR B 711 6.89 0.78 11.78
C TYR B 711 6.46 2.10 12.40
N PRO B 712 7.29 2.73 13.25
CA PRO B 712 6.89 3.99 13.91
C PRO B 712 7.08 5.22 13.03
N GLU B 713 6.07 5.50 12.20
CA GLU B 713 6.23 6.53 11.17
C GLU B 713 6.35 7.92 11.80
N TYR B 714 5.47 8.25 12.74
CA TYR B 714 5.42 9.59 13.32
C TYR B 714 5.68 9.54 14.81
N LEU B 715 6.47 10.50 15.30
CA LEU B 715 6.70 10.73 16.72
C LEU B 715 6.06 12.05 17.09
N ILE B 716 5.13 12.03 18.05
CA ILE B 716 4.36 13.21 18.42
C ILE B 716 4.74 13.60 19.85
N THR B 717 5.14 14.85 20.02
CA THR B 717 5.41 15.42 21.34
C THR B 717 4.24 16.31 21.71
N TYR B 718 3.73 16.15 22.93
CA TYR B 718 2.49 16.82 23.29
C TYR B 718 2.39 16.97 24.81
N GLN B 719 1.38 17.73 25.21
CA GLN B 719 0.97 17.83 26.60
C GLN B 719 -0.53 17.59 26.67
N ILE B 720 -0.99 17.13 27.82
CA ILE B 720 -2.42 17.05 28.08
C ILE B 720 -2.87 18.35 28.74
N MET B 721 -4.07 18.78 28.42
CA MET B 721 -4.60 20.04 28.93
C MET B 721 -5.76 19.82 29.88
#